data_1MZU
#
_entry.id   1MZU
#
_cell.length_a   34.560
_cell.length_b   143.070
_cell.length_c   36.450
_cell.angle_alpha   90.00
_cell.angle_beta   117.96
_cell.angle_gamma   90.00
#
_symmetry.space_group_name_H-M   'P 1 21 1'
#
loop_
_entity.id
_entity.type
_entity.pdbx_description
1 polymer PPR
2 non-polymer "4'-HYDROXYCINNAMIC ACID"
3 water water
#
_entity_poly.entity_id   1
_entity_poly.type   'polypeptide(L)'
_entity_poly.pdbx_seq_one_letter_code
;MPDRTTDDFGPFTEQIRGTIDGMGTAEFDALPVGAIQVDGSGVIHRYNRTESRLSGRIPERVIGRNFFTEVAPCTNIPAF
SGRFMDGVTSGTLDARFDFVFDFQMAPVRVQIRMQNAGVPDRYWIFVRK
;
_entity_poly.pdbx_strand_id   A,B,C
#
# COMPACT_ATOMS: atom_id res chain seq x y z
N ILE A 20 -0.80 5.92 15.09
CA ILE A 20 -1.44 7.00 14.27
C ILE A 20 -0.58 8.29 14.21
N ASP A 21 0.33 8.45 15.18
CA ASP A 21 1.20 9.62 15.28
C ASP A 21 2.33 9.73 14.25
N THR A 25 -0.08 10.10 6.56
CA THR A 25 -0.55 11.40 6.11
C THR A 25 -1.78 11.31 5.19
N ALA A 26 -1.63 10.58 4.08
CA ALA A 26 -2.72 10.37 3.12
C ALA A 26 -3.64 9.27 3.63
N GLU A 27 -3.11 8.46 4.56
CA GLU A 27 -3.83 7.38 5.20
C GLU A 27 -4.64 8.01 6.34
N PHE A 28 -4.05 9.04 6.95
CA PHE A 28 -4.65 9.82 8.05
C PHE A 28 -5.89 10.60 7.57
N ASP A 29 -5.85 11.08 6.33
CA ASP A 29 -6.97 11.82 5.77
C ASP A 29 -7.98 10.92 5.05
N ALA A 30 -7.69 9.62 5.04
CA ALA A 30 -8.53 8.60 4.43
C ALA A 30 -9.23 7.70 5.49
N LEU A 31 -9.03 8.01 6.77
CA LEU A 31 -9.63 7.28 7.90
C LEU A 31 -11.17 7.24 7.89
N PRO A 32 -11.79 6.06 8.23
CA PRO A 32 -13.25 5.92 8.25
C PRO A 32 -13.94 6.77 9.33
N VAL A 33 -13.12 7.29 10.26
CA VAL A 33 -13.56 8.12 11.37
C VAL A 33 -12.88 9.49 11.32
N GLY A 34 -13.53 10.50 11.90
CA GLY A 34 -12.94 11.84 11.98
C GLY A 34 -11.84 11.82 13.04
N ALA A 35 -10.74 12.53 12.82
CA ALA A 35 -9.63 12.54 13.78
C ALA A 35 -9.00 13.92 13.99
N ILE A 36 -9.01 14.38 15.25
CA ILE A 36 -8.48 15.69 15.64
C ILE A 36 -7.45 15.55 16.76
N GLN A 37 -6.29 16.19 16.60
CA GLN A 37 -5.24 16.20 17.64
C GLN A 37 -5.18 17.57 18.24
N VAL A 38 -5.25 17.61 19.57
CA VAL A 38 -5.20 18.85 20.33
C VAL A 38 -4.14 18.76 21.42
N ASP A 39 -3.80 19.90 22.00
CA ASP A 39 -2.87 19.89 23.11
C ASP A 39 -3.69 20.05 24.39
N GLY A 40 -3.02 20.19 25.52
CA GLY A 40 -3.67 20.32 26.81
C GLY A 40 -4.56 21.53 27.03
N SER A 41 -4.32 22.61 26.29
CA SER A 41 -5.15 23.81 26.41
C SER A 41 -6.26 23.85 25.36
N GLY A 42 -6.31 22.82 24.52
CA GLY A 42 -7.34 22.71 23.50
C GLY A 42 -7.02 23.13 22.07
N VAL A 43 -5.80 23.60 21.83
CA VAL A 43 -5.33 24.06 20.52
C VAL A 43 -5.14 22.90 19.53
N ILE A 44 -5.74 23.03 18.35
CA ILE A 44 -5.68 22.04 17.26
C ILE A 44 -4.32 21.99 16.54
N HIS A 45 -3.77 20.78 16.47
CA HIS A 45 -2.50 20.53 15.82
C HIS A 45 -2.69 19.73 14.53
N ARG A 46 -3.61 18.76 14.55
CA ARG A 46 -3.92 17.95 13.36
C ARG A 46 -5.43 17.89 13.19
N TYR A 47 -5.87 17.91 11.93
CA TYR A 47 -7.30 17.90 11.59
C TYR A 47 -7.44 17.20 10.23
N ASN A 48 -8.00 15.98 10.21
CA ASN A 48 -8.17 15.23 8.95
C ASN A 48 -9.34 15.64 8.03
N ARG A 49 -9.32 15.08 6.81
CA ARG A 49 -10.33 15.34 5.77
C ARG A 49 -11.71 14.73 6.01
N THR A 50 -11.74 13.58 6.69
CA THR A 50 -13.00 12.88 7.01
C THR A 50 -13.82 13.76 7.95
N GLU A 51 -13.12 14.43 8.88
CA GLU A 51 -13.74 15.33 9.85
C GLU A 51 -14.18 16.61 9.16
N SER A 52 -13.38 17.04 8.18
CA SER A 52 -13.66 18.22 7.37
C SER A 52 -14.93 17.99 6.55
N ARG A 53 -15.12 16.76 6.09
CA ARG A 53 -16.28 16.36 5.29
C ARG A 53 -17.56 16.30 6.13
N LEU A 54 -17.40 15.94 7.41
CA LEU A 54 -18.51 15.88 8.35
C LEU A 54 -18.85 17.25 8.94
N SER A 55 -17.88 18.16 8.96
CA SER A 55 -18.05 19.49 9.53
C SER A 55 -18.20 20.67 8.58
N GLY A 56 -17.50 20.61 7.45
CA GLY A 56 -17.54 21.69 6.47
C GLY A 56 -16.39 22.67 6.69
N ARG A 57 -15.56 22.38 7.68
CA ARG A 57 -14.40 23.22 8.02
C ARG A 57 -13.15 22.83 7.25
N ILE A 58 -12.42 23.85 6.80
CA ILE A 58 -11.17 23.69 6.06
C ILE A 58 -10.07 23.53 7.13
N PRO A 59 -9.22 22.47 7.03
CA PRO A 59 -8.14 22.22 8.00
C PRO A 59 -7.13 23.34 8.25
N GLU A 60 -6.83 24.15 7.24
CA GLU A 60 -5.84 25.22 7.38
C GLU A 60 -6.17 26.46 8.22
N ARG A 61 -7.45 26.81 8.30
CA ARG A 61 -7.89 27.95 9.11
C ARG A 61 -8.24 27.50 10.54
N VAL A 62 -8.46 26.20 10.68
CA VAL A 62 -8.82 25.56 11.95
C VAL A 62 -7.59 25.18 12.82
N ILE A 63 -6.47 24.82 12.17
CA ILE A 63 -5.23 24.47 12.88
C ILE A 63 -4.59 25.71 13.50
N GLY A 64 -4.31 25.62 14.79
CA GLY A 64 -3.73 26.74 15.52
C GLY A 64 -4.76 27.39 16.43
N ARG A 65 -6.03 27.08 16.19
CA ARG A 65 -7.15 27.61 16.98
C ARG A 65 -7.60 26.60 18.04
N ASN A 66 -8.26 27.10 19.08
CA ASN A 66 -8.76 26.26 20.18
C ASN A 66 -10.07 25.56 19.80
N PHE A 67 -10.07 24.22 19.95
CA PHE A 67 -11.23 23.38 19.65
C PHE A 67 -12.46 23.70 20.50
N PHE A 68 -12.27 23.86 21.81
CA PHE A 68 -13.38 24.11 22.72
C PHE A 68 -13.89 25.54 22.83
N THR A 69 -12.98 26.51 22.81
CA THR A 69 -13.38 27.92 22.93
C THR A 69 -13.70 28.63 21.63
N GLU A 70 -13.06 28.20 20.53
CA GLU A 70 -13.24 28.82 19.21
C GLU A 70 -13.92 28.02 18.09
N VAL A 71 -13.36 26.85 17.73
CA VAL A 71 -13.91 26.02 16.64
C VAL A 71 -15.18 25.26 16.93
N ALA A 72 -15.27 24.65 18.12
CA ALA A 72 -16.43 23.85 18.47
C ALA A 72 -17.04 24.17 19.84
N PRO A 73 -17.65 25.37 20.00
CA PRO A 73 -18.26 25.78 21.27
C PRO A 73 -19.35 24.90 21.88
N CYS A 74 -20.07 24.14 21.04
CA CYS A 74 -21.13 23.22 21.50
C CYS A 74 -20.60 22.08 22.37
N THR A 75 -19.28 21.87 22.32
CA THR A 75 -18.61 20.84 23.11
C THR A 75 -18.19 21.37 24.49
N ASN A 76 -18.37 22.67 24.74
CA ASN A 76 -17.97 23.30 26.01
C ASN A 76 -18.90 23.07 27.21
N ILE A 77 -19.37 21.83 27.35
CA ILE A 77 -20.24 21.39 28.43
C ILE A 77 -19.48 20.32 29.24
N PRO A 78 -19.95 19.94 30.48
CA PRO A 78 -19.23 18.92 31.25
C PRO A 78 -19.12 17.53 30.62
N ALA A 79 -20.06 17.19 29.73
CA ALA A 79 -20.06 15.90 29.05
C ALA A 79 -18.94 15.74 28.02
N PHE A 80 -18.43 16.86 27.52
CA PHE A 80 -17.35 16.82 26.52
C PHE A 80 -16.07 17.52 26.99
N SER A 81 -16.08 18.85 27.15
CA SER A 81 -14.88 19.59 27.57
C SER A 81 -14.48 19.31 28.99
N GLY A 82 -15.48 19.04 29.84
CA GLY A 82 -15.25 18.70 31.24
C GLY A 82 -14.51 17.37 31.31
N ARG A 83 -14.93 16.42 30.48
CA ARG A 83 -14.32 15.08 30.38
C ARG A 83 -12.88 15.20 29.88
N PHE A 84 -12.65 16.15 28.97
CA PHE A 84 -11.31 16.42 28.43
C PHE A 84 -10.40 17.00 29.52
N MET A 85 -10.88 18.02 30.24
CA MET A 85 -10.14 18.70 31.31
C MET A 85 -9.73 17.75 32.43
N ASP A 86 -10.63 16.84 32.80
CA ASP A 86 -10.39 15.84 33.84
C ASP A 86 -9.37 14.80 33.41
N GLY A 87 -9.38 14.48 32.11
CA GLY A 87 -8.46 13.52 31.54
C GLY A 87 -7.03 14.02 31.50
N VAL A 88 -6.86 15.32 31.20
CA VAL A 88 -5.55 15.98 31.14
C VAL A 88 -4.95 16.13 32.53
N THR A 89 -5.77 16.60 33.47
CA THR A 89 -5.40 16.84 34.86
C THR A 89 -5.05 15.55 35.65
N SER A 90 -5.54 14.41 35.17
CA SER A 90 -5.25 13.12 35.81
C SER A 90 -4.19 12.33 35.05
N GLY A 91 -3.73 12.92 33.93
CA GLY A 91 -2.71 12.31 33.10
C GLY A 91 -3.19 11.29 32.09
N THR A 92 -4.35 10.68 32.35
CA THR A 92 -4.92 9.66 31.46
C THR A 92 -6.29 10.08 30.93
N LEU A 93 -6.36 10.31 29.63
CA LEU A 93 -7.61 10.66 28.95
C LEU A 93 -8.10 9.38 28.29
N ASP A 94 -9.31 8.96 28.66
CA ASP A 94 -9.93 7.77 28.10
C ASP A 94 -11.43 7.85 28.29
N ALA A 95 -12.12 8.22 27.20
CA ALA A 95 -13.56 8.39 27.25
C ALA A 95 -14.22 7.94 25.97
N ARG A 96 -15.44 7.45 26.10
CA ARG A 96 -16.26 6.97 24.99
C ARG A 96 -17.68 7.36 25.37
N PHE A 97 -18.33 8.15 24.50
CA PHE A 97 -19.70 8.62 24.75
C PHE A 97 -20.41 9.05 23.47
N ASP A 98 -21.75 9.05 23.51
CA ASP A 98 -22.56 9.46 22.38
C ASP A 98 -22.76 10.98 22.46
N PHE A 99 -22.81 11.64 21.30
CA PHE A 99 -22.96 13.10 21.23
C PHE A 99 -23.67 13.50 19.95
N VAL A 100 -24.15 14.74 19.93
CA VAL A 100 -24.83 15.30 18.78
C VAL A 100 -24.27 16.70 18.49
N PHE A 101 -23.77 16.88 17.27
CA PHE A 101 -23.20 18.15 16.82
C PHE A 101 -24.27 19.06 16.22
N ASP A 102 -24.44 20.23 16.84
CA ASP A 102 -25.44 21.23 16.44
C ASP A 102 -24.92 22.22 15.40
N PHE A 103 -24.93 21.78 14.14
CA PHE A 103 -24.48 22.59 13.01
C PHE A 103 -25.58 23.54 12.54
N GLN A 104 -25.28 24.33 11.52
CA GLN A 104 -26.23 25.30 10.96
C GLN A 104 -27.43 24.65 10.29
N MET A 105 -27.17 23.54 9.58
CA MET A 105 -28.20 22.79 8.86
C MET A 105 -29.06 21.88 9.73
N ALA A 106 -28.50 20.74 10.16
CA ALA A 106 -29.23 19.75 10.94
C ALA A 106 -28.35 19.04 12.01
N PRO A 107 -28.98 18.44 13.06
CA PRO A 107 -28.24 17.73 14.10
C PRO A 107 -27.63 16.41 13.59
N VAL A 108 -26.31 16.28 13.73
CA VAL A 108 -25.56 15.09 13.29
C VAL A 108 -25.15 14.29 14.55
N ARG A 109 -25.74 13.09 14.71
CA ARG A 109 -25.45 12.20 15.83
C ARG A 109 -24.13 11.47 15.62
N VAL A 110 -23.23 11.54 16.62
CA VAL A 110 -21.90 10.91 16.57
C VAL A 110 -21.54 10.16 17.85
N GLN A 111 -20.53 9.28 17.76
CA GLN A 111 -20.00 8.54 18.90
C GLN A 111 -18.58 9.12 18.98
N ILE A 112 -18.17 9.52 20.19
CA ILE A 112 -16.85 10.13 20.40
C ILE A 112 -15.95 9.19 21.20
N ARG A 113 -14.68 9.15 20.83
CA ARG A 113 -13.66 8.36 21.51
C ARG A 113 -12.49 9.30 21.74
N MET A 114 -12.17 9.55 23.01
CA MET A 114 -11.07 10.45 23.40
C MET A 114 -9.96 9.65 24.07
N GLN A 115 -8.71 9.95 23.72
CA GLN A 115 -7.52 9.27 24.28
C GLN A 115 -6.21 10.03 24.08
N ASN A 116 -5.17 9.59 24.81
CA ASN A 116 -3.80 10.15 24.74
C ASN A 116 -3.05 9.77 23.47
N ALA A 117 -1.99 10.51 23.18
CA ALA A 117 -1.13 10.29 22.01
C ALA A 117 0.24 9.78 22.45
N GLY A 118 1.06 9.41 21.47
CA GLY A 118 2.42 8.93 21.72
C GLY A 118 3.38 10.05 22.05
N VAL A 119 3.01 11.25 21.62
CA VAL A 119 3.77 12.47 21.86
C VAL A 119 3.17 13.11 23.12
N PRO A 120 4.02 13.58 24.07
CA PRO A 120 3.49 14.20 25.29
C PRO A 120 2.73 15.51 24.99
N ASP A 121 1.75 15.82 25.85
CA ASP A 121 0.90 17.02 25.74
C ASP A 121 -0.08 16.96 24.55
N ARG A 122 -0.07 15.86 23.79
CA ARG A 122 -0.96 15.71 22.63
C ARG A 122 -2.06 14.70 22.91
N TYR A 123 -3.28 15.01 22.45
CA TYR A 123 -4.46 14.16 22.68
C TYR A 123 -5.30 14.01 21.41
N TRP A 124 -5.99 12.89 21.31
CA TRP A 124 -6.82 12.56 20.17
C TRP A 124 -8.30 12.52 20.46
N ILE A 125 -9.07 12.97 19.47
CA ILE A 125 -10.52 12.98 19.52
C ILE A 125 -10.97 12.30 18.22
N PHE A 126 -11.61 11.13 18.33
CA PHE A 126 -12.11 10.37 17.19
C PHE A 126 -13.61 10.54 17.08
N VAL A 127 -14.09 10.77 15.87
CA VAL A 127 -15.52 11.02 15.64
C VAL A 127 -16.12 10.02 14.64
N ARG A 128 -17.16 9.29 15.03
CA ARG A 128 -17.76 8.36 14.10
C ARG A 128 -19.25 8.50 13.86
N LYS A 129 -19.62 8.47 12.57
CA LYS A 129 -20.99 8.56 12.02
C LYS A 129 -21.54 9.99 11.81
N ILE B 16 15.09 -7.49 -28.08
CA ILE B 16 16.31 -8.33 -27.97
C ILE B 16 16.09 -9.62 -27.18
N ARG B 17 14.83 -9.87 -26.78
CA ARG B 17 14.41 -11.04 -26.00
C ARG B 17 14.68 -12.40 -26.66
N GLY B 18 14.76 -12.40 -27.99
CA GLY B 18 15.02 -13.62 -28.75
C GLY B 18 16.48 -13.91 -29.03
N THR B 19 17.33 -12.89 -28.95
CA THR B 19 18.76 -13.06 -29.22
C THR B 19 19.67 -13.07 -28.01
N ILE B 20 19.16 -12.59 -26.86
CA ILE B 20 19.96 -12.51 -25.62
C ILE B 20 20.39 -13.87 -25.03
N ASP B 21 19.51 -14.86 -25.13
CA ASP B 21 19.78 -16.20 -24.62
C ASP B 21 20.92 -16.87 -25.39
N GLY B 22 21.05 -16.52 -26.67
CA GLY B 22 22.09 -17.05 -27.53
C GLY B 22 23.32 -16.16 -27.67
N MET B 23 23.37 -15.04 -26.93
CA MET B 23 24.51 -14.13 -26.99
C MET B 23 25.79 -14.66 -26.36
N GLY B 24 26.90 -14.45 -27.07
CA GLY B 24 28.21 -14.85 -26.60
C GLY B 24 28.69 -13.81 -25.59
N THR B 25 29.74 -14.16 -24.85
CA THR B 25 30.30 -13.31 -23.82
C THR B 25 30.63 -11.85 -24.19
N ALA B 26 31.31 -11.62 -25.31
CA ALA B 26 31.70 -10.27 -25.77
C ALA B 26 30.49 -9.34 -26.02
N GLU B 27 29.48 -9.91 -26.68
CA GLU B 27 28.24 -9.22 -27.03
C GLU B 27 27.34 -9.02 -25.80
N PHE B 28 27.27 -10.04 -24.95
CA PHE B 28 26.50 -10.02 -23.70
C PHE B 28 27.07 -8.95 -22.76
N ASP B 29 28.39 -8.86 -22.72
CA ASP B 29 29.11 -7.87 -21.90
C ASP B 29 29.08 -6.45 -22.49
N ALA B 30 28.63 -6.34 -23.74
CA ALA B 30 28.54 -5.06 -24.45
C ALA B 30 27.16 -4.39 -24.40
N LEU B 31 26.16 -5.07 -23.84
CA LEU B 31 24.79 -4.53 -23.70
C LEU B 31 24.76 -3.19 -22.96
N PRO B 32 23.88 -2.24 -23.38
CA PRO B 32 23.80 -0.93 -22.72
C PRO B 32 23.14 -0.93 -21.34
N VAL B 33 22.63 -2.10 -20.94
CA VAL B 33 21.97 -2.28 -19.64
C VAL B 33 22.64 -3.41 -18.86
N GLY B 34 22.41 -3.44 -17.55
CA GLY B 34 22.91 -4.51 -16.71
C GLY B 34 21.98 -5.69 -16.93
N ALA B 35 22.51 -6.91 -17.00
CA ALA B 35 21.69 -8.11 -17.24
C ALA B 35 22.08 -9.24 -16.31
N ILE B 36 21.08 -9.78 -15.61
CA ILE B 36 21.29 -10.87 -14.64
C ILE B 36 20.27 -11.99 -14.96
N GLN B 37 20.74 -13.20 -15.29
CA GLN B 37 19.81 -14.30 -15.54
C GLN B 37 19.78 -15.20 -14.33
N VAL B 38 18.59 -15.43 -13.80
CA VAL B 38 18.43 -16.27 -12.62
C VAL B 38 17.47 -17.41 -12.93
N ASP B 39 17.51 -18.48 -12.12
CA ASP B 39 16.53 -19.57 -12.29
C ASP B 39 15.33 -19.24 -11.40
N GLY B 40 14.36 -20.16 -11.31
CA GLY B 40 13.17 -19.96 -10.50
C GLY B 40 13.36 -19.85 -8.99
N SER B 41 14.55 -20.23 -8.52
CA SER B 41 14.91 -20.17 -7.10
C SER B 41 15.73 -18.91 -6.76
N GLY B 42 16.11 -18.15 -7.78
CA GLY B 42 16.88 -16.94 -7.59
C GLY B 42 18.38 -17.08 -7.79
N VAL B 43 18.85 -18.30 -8.05
CA VAL B 43 20.28 -18.58 -8.28
C VAL B 43 20.71 -17.97 -9.62
N ILE B 44 21.84 -17.25 -9.60
CA ILE B 44 22.40 -16.58 -10.79
C ILE B 44 23.09 -17.54 -11.77
N HIS B 45 22.71 -17.42 -13.04
CA HIS B 45 23.29 -18.24 -14.11
C HIS B 45 24.19 -17.42 -15.04
N ARG B 46 23.82 -16.17 -15.30
CA ARG B 46 24.57 -15.24 -16.18
C ARG B 46 24.61 -13.83 -15.54
N TYR B 47 25.71 -13.11 -15.74
CA TYR B 47 25.93 -11.79 -15.15
C TYR B 47 26.91 -11.03 -16.04
N ASN B 48 26.46 -9.95 -16.69
CA ASN B 48 27.30 -9.18 -17.61
C ASN B 48 28.20 -8.08 -17.02
N ARG B 49 29.21 -7.68 -17.82
CA ARG B 49 30.17 -6.64 -17.44
C ARG B 49 29.53 -5.30 -17.12
N THR B 50 28.47 -4.95 -17.85
CA THR B 50 27.79 -3.67 -17.63
C THR B 50 27.24 -3.60 -16.19
N GLU B 51 26.78 -4.75 -15.68
CA GLU B 51 26.26 -4.84 -14.32
C GLU B 51 27.39 -4.80 -13.30
N SER B 52 28.54 -5.35 -13.67
CA SER B 52 29.75 -5.36 -12.84
C SER B 52 30.35 -3.96 -12.66
N ARG B 53 30.20 -3.11 -13.68
CA ARG B 53 30.72 -1.73 -13.64
C ARG B 53 29.90 -0.80 -12.75
N LEU B 54 28.69 -1.25 -12.43
CA LEU B 54 27.75 -0.54 -11.56
C LEU B 54 27.78 -1.11 -10.14
N SER B 55 28.05 -2.42 -10.05
CA SER B 55 28.05 -3.13 -8.78
C SER B 55 29.40 -3.37 -8.12
N GLY B 56 30.41 -3.66 -8.94
CA GLY B 56 31.75 -3.95 -8.43
C GLY B 56 31.94 -5.45 -8.27
N ARG B 57 30.85 -6.22 -8.42
CA ARG B 57 30.87 -7.68 -8.29
C ARG B 57 31.36 -8.36 -9.55
N ILE B 58 32.32 -9.25 -9.38
CA ILE B 58 32.94 -10.01 -10.48
C ILE B 58 31.98 -11.15 -10.91
N PRO B 59 31.81 -11.38 -12.24
CA PRO B 59 30.92 -12.43 -12.75
C PRO B 59 31.20 -13.85 -12.23
N GLU B 60 32.49 -14.17 -12.10
CA GLU B 60 32.95 -15.48 -11.63
C GLU B 60 32.60 -15.79 -10.16
N ARG B 61 32.48 -14.75 -9.33
CA ARG B 61 32.15 -14.94 -7.90
C ARG B 61 30.66 -15.09 -7.62
N VAL B 62 29.83 -14.41 -8.41
CA VAL B 62 28.37 -14.45 -8.24
C VAL B 62 27.61 -15.60 -8.89
N ILE B 63 28.21 -16.25 -9.90
CA ILE B 63 27.55 -17.38 -10.57
C ILE B 63 27.36 -18.57 -9.60
N GLY B 64 26.13 -19.05 -9.53
CA GLY B 64 25.81 -20.16 -8.65
C GLY B 64 25.30 -19.71 -7.29
N ARG B 65 25.41 -18.41 -7.02
CA ARG B 65 24.93 -17.82 -5.77
C ARG B 65 23.54 -17.21 -5.98
N ASN B 66 22.74 -17.22 -4.92
CA ASN B 66 21.39 -16.68 -4.95
C ASN B 66 21.39 -15.14 -4.95
N PHE B 67 20.74 -14.55 -5.94
CA PHE B 67 20.67 -13.08 -6.08
C PHE B 67 20.02 -12.36 -4.89
N PHE B 68 18.87 -12.87 -4.46
CA PHE B 68 18.11 -12.27 -3.37
C PHE B 68 18.58 -12.51 -1.96
N THR B 69 19.07 -13.71 -1.69
CA THR B 69 19.51 -14.08 -0.34
C THR B 69 20.99 -13.97 -0.04
N GLU B 70 21.82 -13.87 -1.08
CA GLU B 70 23.28 -13.80 -0.92
C GLU B 70 24.01 -12.61 -1.56
N VAL B 71 23.76 -12.37 -2.85
CA VAL B 71 24.42 -11.28 -3.58
C VAL B 71 23.81 -9.91 -3.36
N ALA B 72 22.48 -9.85 -3.44
CA ALA B 72 21.75 -8.59 -3.32
C ALA B 72 20.61 -8.67 -2.29
N PRO B 73 20.95 -8.65 -0.99
CA PRO B 73 19.92 -8.73 0.06
C PRO B 73 19.00 -7.50 0.18
N CYS B 74 19.45 -6.35 -0.33
CA CYS B 74 18.61 -5.12 -0.30
C CYS B 74 17.36 -5.28 -1.16
N THR B 75 17.40 -6.29 -2.03
CA THR B 75 16.30 -6.60 -2.94
C THR B 75 15.29 -7.59 -2.36
N ASN B 76 15.57 -8.16 -1.18
CA ASN B 76 14.63 -9.13 -0.60
C ASN B 76 13.47 -8.48 0.17
N ILE B 77 12.68 -7.71 -0.57
CA ILE B 77 11.49 -7.00 -0.08
C ILE B 77 10.36 -7.20 -1.11
N PRO B 78 9.06 -7.03 -0.71
CA PRO B 78 7.94 -7.22 -1.65
C PRO B 78 8.04 -6.50 -3.01
N ALA B 79 8.61 -5.30 -3.02
CA ALA B 79 8.77 -4.47 -4.22
C ALA B 79 9.70 -5.06 -5.28
N PHE B 80 10.57 -5.98 -4.85
CA PHE B 80 11.54 -6.61 -5.75
C PHE B 80 11.41 -8.15 -5.74
N SER B 81 11.92 -8.84 -4.70
CA SER B 81 11.83 -10.31 -4.65
C SER B 81 10.40 -10.84 -4.59
N GLY B 82 9.50 -10.09 -3.97
CA GLY B 82 8.09 -10.48 -3.87
C GLY B 82 7.43 -10.51 -5.24
N ARG B 83 7.80 -9.54 -6.09
CA ARG B 83 7.29 -9.44 -7.46
C ARG B 83 7.82 -10.60 -8.30
N PHE B 84 9.07 -10.99 -8.01
CA PHE B 84 9.73 -12.09 -8.70
C PHE B 84 9.06 -13.43 -8.44
N MET B 85 8.82 -13.73 -7.16
CA MET B 85 8.19 -14.99 -6.75
C MET B 85 6.77 -15.12 -7.27
N ASP B 86 6.08 -13.97 -7.38
CA ASP B 86 4.71 -13.88 -7.90
C ASP B 86 4.68 -14.14 -9.40
N GLY B 87 5.70 -13.68 -10.11
CA GLY B 87 5.81 -13.88 -11.55
C GLY B 87 6.17 -15.32 -11.94
N VAL B 88 7.03 -15.96 -11.14
CA VAL B 88 7.49 -17.34 -11.40
C VAL B 88 6.38 -18.36 -11.14
N THR B 89 5.65 -18.16 -10.05
CA THR B 89 4.54 -19.02 -9.63
C THR B 89 3.34 -18.97 -10.58
N SER B 90 3.14 -17.81 -11.20
CA SER B 90 2.05 -17.60 -12.14
C SER B 90 2.42 -17.92 -13.59
N GLY B 91 3.72 -18.05 -13.86
CA GLY B 91 4.19 -18.37 -15.19
C GLY B 91 4.50 -17.20 -16.10
N THR B 92 4.24 -15.97 -15.65
CA THR B 92 4.51 -14.77 -16.43
C THR B 92 5.12 -13.71 -15.53
N LEU B 93 6.41 -13.42 -15.77
CA LEU B 93 7.14 -12.40 -15.03
C LEU B 93 7.19 -11.18 -15.94
N ASP B 94 6.59 -10.09 -15.48
CA ASP B 94 6.54 -8.84 -16.26
C ASP B 94 6.49 -7.66 -15.29
N ALA B 95 7.66 -7.17 -14.90
CA ALA B 95 7.74 -6.07 -13.97
C ALA B 95 8.69 -4.98 -14.46
N ARG B 96 8.30 -3.74 -14.26
CA ARG B 96 9.07 -2.56 -14.66
C ARG B 96 8.85 -1.58 -13.53
N PHE B 97 9.92 -1.28 -12.80
CA PHE B 97 9.85 -0.39 -11.65
C PHE B 97 11.18 0.26 -11.32
N ASP B 98 11.10 1.41 -10.64
CA ASP B 98 12.29 2.15 -10.20
C ASP B 98 12.68 1.65 -8.82
N PHE B 99 13.98 1.58 -8.56
CA PHE B 99 14.49 1.06 -7.30
C PHE B 99 15.77 1.80 -6.95
N VAL B 100 16.20 1.60 -5.71
CA VAL B 100 17.41 2.21 -5.17
C VAL B 100 18.31 1.10 -4.66
N PHE B 101 19.52 1.01 -5.22
CA PHE B 101 20.50 0.01 -4.80
C PHE B 101 21.36 0.60 -3.70
N ASP B 102 21.30 -0.02 -2.53
CA ASP B 102 22.04 0.45 -1.35
C ASP B 102 23.46 -0.14 -1.15
N PHE B 103 24.36 0.22 -2.07
CA PHE B 103 25.78 -0.21 -2.05
C PHE B 103 26.56 0.47 -0.90
N GLN B 104 27.85 0.22 -0.82
CA GLN B 104 28.72 0.77 0.23
C GLN B 104 29.17 2.22 -0.04
N MET B 105 29.44 2.54 -1.31
CA MET B 105 29.90 3.87 -1.75
C MET B 105 28.85 4.96 -1.53
N ALA B 106 27.67 4.74 -2.11
CA ALA B 106 26.51 5.64 -2.03
C ALA B 106 25.33 4.96 -2.77
N PRO B 107 24.07 5.23 -2.34
CA PRO B 107 22.92 4.61 -3.03
C PRO B 107 22.78 5.12 -4.48
N VAL B 108 22.35 4.25 -5.40
CA VAL B 108 22.19 4.60 -6.82
C VAL B 108 20.78 4.30 -7.32
N ARG B 109 20.16 5.25 -8.01
CA ARG B 109 18.82 5.09 -8.58
C ARG B 109 18.91 4.26 -9.86
N VAL B 110 18.04 3.26 -9.98
CA VAL B 110 18.03 2.40 -11.15
C VAL B 110 16.60 2.14 -11.59
N GLN B 111 16.43 1.66 -12.81
CA GLN B 111 15.13 1.30 -13.34
C GLN B 111 15.31 -0.19 -13.62
N ILE B 112 14.42 -1.01 -13.07
CA ILE B 112 14.47 -2.47 -13.22
C ILE B 112 13.43 -2.99 -14.21
N ARG B 113 13.78 -4.05 -14.92
CA ARG B 113 12.90 -4.71 -15.86
C ARG B 113 13.08 -6.24 -15.65
N MET B 114 12.02 -6.90 -15.23
CA MET B 114 12.03 -8.35 -14.99
C MET B 114 11.17 -9.06 -15.99
N GLN B 115 11.72 -10.07 -16.64
CA GLN B 115 10.96 -10.84 -17.62
C GLN B 115 11.41 -12.27 -17.80
N ASN B 116 10.54 -13.04 -18.45
CA ASN B 116 10.80 -14.44 -18.78
C ASN B 116 11.86 -14.53 -19.88
N ALA B 117 12.67 -15.59 -19.82
CA ALA B 117 13.69 -15.86 -20.83
C ALA B 117 13.06 -16.86 -21.79
N GLY B 118 13.72 -17.12 -22.92
CA GLY B 118 13.22 -18.09 -23.89
C GLY B 118 13.47 -19.54 -23.50
N VAL B 119 14.39 -19.73 -22.56
CA VAL B 119 14.80 -21.05 -22.06
C VAL B 119 14.05 -21.33 -20.74
N PRO B 120 13.50 -22.56 -20.55
CA PRO B 120 12.76 -22.95 -19.34
C PRO B 120 13.51 -22.75 -18.03
N ASP B 121 12.76 -22.32 -17.01
CA ASP B 121 13.26 -22.05 -15.66
C ASP B 121 14.38 -21.00 -15.61
N ARG B 122 14.41 -20.10 -16.58
CA ARG B 122 15.40 -19.02 -16.64
C ARG B 122 14.64 -17.70 -16.77
N TYR B 123 15.11 -16.67 -16.07
CA TYR B 123 14.45 -15.36 -16.03
C TYR B 123 15.46 -14.22 -16.09
N TRP B 124 15.09 -13.09 -16.69
CA TRP B 124 15.97 -11.91 -16.81
C TRP B 124 15.65 -10.72 -15.93
N ILE B 125 16.70 -10.12 -15.36
CA ILE B 125 16.60 -8.90 -14.55
C ILE B 125 17.46 -7.84 -15.30
N PHE B 126 16.83 -6.79 -15.83
CA PHE B 126 17.53 -5.73 -16.56
C PHE B 126 17.64 -4.50 -15.70
N VAL B 127 18.86 -3.97 -15.61
CA VAL B 127 19.17 -2.83 -14.77
C VAL B 127 19.79 -1.65 -15.53
N ARG B 128 19.16 -0.47 -15.42
CA ARG B 128 19.71 0.72 -16.06
C ARG B 128 19.72 1.95 -15.13
N LYS B 129 20.81 2.72 -15.30
CA LYS B 129 21.21 4.00 -14.66
C LYS B 129 22.51 3.93 -13.86
N ILE C 16 -12.68 -13.41 -16.97
CA ILE C 16 -11.19 -13.16 -16.92
C ILE C 16 -10.43 -14.14 -16.03
N ARG C 17 -11.15 -15.10 -15.45
CA ARG C 17 -10.59 -16.14 -14.59
C ARG C 17 -9.64 -17.05 -15.39
N GLY C 18 -8.65 -17.63 -14.72
CA GLY C 18 -7.70 -18.51 -15.39
C GLY C 18 -6.66 -17.77 -16.23
N THR C 19 -7.05 -16.61 -16.75
CA THR C 19 -6.17 -15.78 -17.59
C THR C 19 -5.57 -14.58 -16.86
N ILE C 20 -6.30 -13.98 -15.91
CA ILE C 20 -5.82 -12.79 -15.18
C ILE C 20 -4.53 -13.01 -14.38
N ASP C 21 -4.38 -14.19 -13.80
CA ASP C 21 -3.19 -14.53 -13.01
C ASP C 21 -1.93 -14.64 -13.87
N GLY C 22 -2.10 -14.90 -15.16
CA GLY C 22 -0.96 -15.01 -16.06
C GLY C 22 -0.77 -13.84 -17.01
N MET C 23 -1.48 -12.73 -16.79
CA MET C 23 -1.38 -11.55 -17.65
C MET C 23 -0.17 -10.66 -17.41
N GLY C 24 0.31 -10.06 -18.49
CA GLY C 24 1.43 -9.12 -18.42
C GLY C 24 0.87 -7.78 -17.93
N THR C 25 1.77 -6.87 -17.55
CA THR C 25 1.42 -5.53 -17.04
C THR C 25 0.53 -4.67 -17.94
N ALA C 26 0.87 -4.57 -19.23
CA ALA C 26 0.11 -3.75 -20.20
C ALA C 26 -1.33 -4.21 -20.33
N GLU C 27 -1.49 -5.54 -20.35
CA GLU C 27 -2.81 -6.17 -20.43
C GLU C 27 -3.55 -6.04 -19.08
N PHE C 28 -2.81 -6.11 -17.98
CA PHE C 28 -3.36 -5.98 -16.62
C PHE C 28 -3.93 -4.57 -16.37
N ASP C 29 -3.17 -3.57 -16.80
CA ASP C 29 -3.50 -2.15 -16.68
C ASP C 29 -4.69 -1.75 -17.55
N ALA C 30 -4.94 -2.55 -18.58
CA ALA C 30 -6.01 -2.32 -19.54
C ALA C 30 -7.35 -3.00 -19.23
N LEU C 31 -7.46 -3.69 -18.09
CA LEU C 31 -8.72 -4.33 -17.68
C LEU C 31 -9.79 -3.24 -17.46
N PRO C 32 -11.04 -3.47 -17.90
CA PRO C 32 -12.12 -2.48 -17.72
C PRO C 32 -12.57 -2.24 -16.28
N VAL C 33 -12.08 -3.08 -15.37
CA VAL C 33 -12.40 -3.00 -13.95
C VAL C 33 -11.12 -2.83 -13.10
N GLY C 34 -11.29 -2.30 -11.90
CA GLY C 34 -10.17 -2.14 -10.99
C GLY C 34 -9.86 -3.53 -10.44
N ALA C 35 -8.57 -3.88 -10.42
CA ALA C 35 -8.15 -5.18 -9.94
C ALA C 35 -6.99 -5.07 -8.95
N ILE C 36 -7.21 -5.60 -7.76
CA ILE C 36 -6.21 -5.61 -6.68
C ILE C 36 -6.01 -7.06 -6.24
N GLN C 37 -4.77 -7.55 -6.28
CA GLN C 37 -4.50 -8.90 -5.79
C GLN C 37 -3.84 -8.78 -4.44
N VAL C 38 -4.42 -9.47 -3.46
CA VAL C 38 -3.92 -9.45 -2.10
C VAL C 38 -3.68 -10.89 -1.64
N ASP C 39 -2.93 -11.05 -0.55
CA ASP C 39 -2.72 -12.38 0.03
C ASP C 39 -3.70 -12.53 1.19
N GLY C 40 -3.52 -13.60 1.97
CA GLY C 40 -4.39 -13.88 3.11
C GLY C 40 -4.40 -12.84 4.24
N SER C 41 -3.35 -12.05 4.34
CA SER C 41 -3.25 -11.01 5.38
C SER C 41 -3.71 -9.62 4.88
N GLY C 42 -4.06 -9.56 3.59
CA GLY C 42 -4.52 -8.32 2.99
C GLY C 42 -3.46 -7.47 2.32
N VAL C 43 -2.22 -7.95 2.30
CA VAL C 43 -1.11 -7.22 1.68
C VAL C 43 -1.20 -7.31 0.15
N ILE C 44 -0.99 -6.17 -0.51
CA ILE C 44 -1.06 -6.03 -1.97
C ILE C 44 0.14 -6.57 -2.75
N HIS C 45 -0.16 -7.44 -3.72
CA HIS C 45 0.84 -8.02 -4.61
C HIS C 45 0.71 -7.44 -6.03
N ARG C 46 -0.52 -7.18 -6.47
CA ARG C 46 -0.79 -6.61 -7.79
C ARG C 46 -1.85 -5.53 -7.69
N TYR C 47 -1.69 -4.45 -8.48
CA TYR C 47 -2.59 -3.29 -8.48
C TYR C 47 -2.55 -2.66 -9.88
N ASN C 48 -3.69 -2.65 -10.59
CA ASN C 48 -3.73 -2.07 -11.94
C ASN C 48 -3.97 -0.56 -12.08
N ARG C 49 -3.72 -0.02 -13.28
CA ARG C 49 -3.90 1.41 -13.59
C ARG C 49 -5.36 1.86 -13.52
N THR C 50 -6.29 0.97 -13.92
CA THR C 50 -7.72 1.29 -13.91
C THR C 50 -8.17 1.62 -12.48
N GLU C 51 -7.58 0.90 -11.51
CA GLU C 51 -7.87 1.16 -10.11
C GLU C 51 -7.20 2.45 -9.64
N SER C 52 -6.00 2.74 -10.14
CA SER C 52 -5.26 3.95 -9.76
C SER C 52 -5.83 5.24 -10.36
N ARG C 53 -6.58 5.12 -11.45
CA ARG C 53 -7.24 6.24 -12.12
C ARG C 53 -8.42 6.72 -11.27
N LEU C 54 -8.89 5.80 -10.42
CA LEU C 54 -10.00 5.98 -9.49
C LEU C 54 -9.48 6.43 -8.11
N SER C 55 -8.38 5.83 -7.67
CA SER C 55 -7.81 6.11 -6.35
C SER C 55 -6.95 7.35 -6.22
N GLY C 56 -6.05 7.54 -7.19
CA GLY C 56 -5.13 8.67 -7.19
C GLY C 56 -3.76 8.19 -6.76
N ARG C 57 -3.70 7.00 -6.15
CA ARG C 57 -2.46 6.39 -5.68
C ARG C 57 -1.72 5.69 -6.81
N ILE C 58 -0.39 5.75 -6.76
CA ILE C 58 0.51 5.17 -7.76
C ILE C 58 0.76 3.68 -7.47
N PRO C 59 0.63 2.78 -8.49
CA PRO C 59 0.86 1.34 -8.31
C PRO C 59 2.22 0.95 -7.72
N GLU C 60 3.22 1.79 -7.98
CA GLU C 60 4.58 1.56 -7.49
C GLU C 60 4.81 1.92 -6.02
N ARG C 61 3.81 2.51 -5.39
CA ARG C 61 3.90 2.90 -3.98
C ARG C 61 3.02 2.08 -3.03
N VAL C 62 2.05 1.35 -3.58
CA VAL C 62 1.13 0.54 -2.80
C VAL C 62 1.49 -0.95 -2.63
N ILE C 63 2.37 -1.47 -3.48
CA ILE C 63 2.81 -2.87 -3.42
C ILE C 63 3.63 -3.07 -2.15
N GLY C 64 3.24 -4.09 -1.39
CA GLY C 64 3.91 -4.40 -0.14
C GLY C 64 3.15 -3.86 1.06
N ARG C 65 2.24 -2.92 0.82
CA ARG C 65 1.43 -2.33 1.87
C ARG C 65 0.10 -3.05 2.02
N ASN C 66 -0.47 -2.97 3.22
CA ASN C 66 -1.74 -3.60 3.52
C ASN C 66 -2.91 -2.77 3.00
N PHE C 67 -3.78 -3.43 2.21
CA PHE C 67 -4.96 -2.80 1.62
C PHE C 67 -5.97 -2.30 2.66
N PHE C 68 -6.34 -3.16 3.61
CA PHE C 68 -7.33 -2.83 4.62
C PHE C 68 -6.96 -1.84 5.71
N THR C 69 -5.69 -1.83 6.12
CA THR C 69 -5.26 -0.91 7.18
C THR C 69 -4.42 0.30 6.78
N GLU C 70 -3.70 0.20 5.66
CA GLU C 70 -2.81 1.29 5.22
C GLU C 70 -3.19 2.20 4.07
N VAL C 71 -3.43 1.65 2.88
CA VAL C 71 -3.78 2.48 1.72
C VAL C 71 -5.27 2.75 1.57
N ALA C 72 -6.08 1.89 2.17
CA ALA C 72 -7.54 2.00 2.12
C ALA C 72 -8.19 1.69 3.49
N PRO C 73 -7.95 2.54 4.52
CA PRO C 73 -8.55 2.27 5.83
C PRO C 73 -10.08 2.32 5.97
N CYS C 74 -10.75 2.94 4.99
CA CYS C 74 -12.22 3.05 4.98
C CYS C 74 -12.90 1.73 4.63
N THR C 75 -12.09 0.75 4.24
CA THR C 75 -12.57 -0.59 3.89
C THR C 75 -12.47 -1.52 5.12
N ASN C 76 -11.96 -1.00 6.24
CA ASN C 76 -11.82 -1.80 7.45
C ASN C 76 -13.06 -1.78 8.33
N ILE C 77 -14.12 -2.37 7.81
CA ILE C 77 -15.43 -2.48 8.48
C ILE C 77 -15.94 -3.89 8.14
N PRO C 78 -16.81 -4.48 8.99
CA PRO C 78 -17.36 -5.84 8.75
C PRO C 78 -18.01 -6.14 7.39
N ALA C 79 -18.61 -5.13 6.76
CA ALA C 79 -19.26 -5.28 5.44
C ALA C 79 -18.26 -5.51 4.30
N PHE C 80 -17.03 -5.02 4.50
CA PHE C 80 -15.94 -5.15 3.52
C PHE C 80 -14.85 -6.10 4.04
N SER C 81 -14.03 -5.64 4.99
CA SER C 81 -12.92 -6.44 5.55
C SER C 81 -13.34 -7.70 6.27
N GLY C 82 -14.53 -7.68 6.89
CA GLY C 82 -15.05 -8.84 7.59
C GLY C 82 -15.47 -9.92 6.64
N ARG C 83 -16.02 -9.51 5.49
CA ARG C 83 -16.47 -10.42 4.43
C ARG C 83 -15.27 -11.13 3.80
N PHE C 84 -14.13 -10.43 3.78
CA PHE C 84 -12.87 -10.93 3.24
C PHE C 84 -12.32 -12.01 4.18
N MET C 85 -12.25 -11.67 5.48
CA MET C 85 -11.75 -12.53 6.55
C MET C 85 -12.41 -13.90 6.65
N ASP C 86 -13.72 -13.95 6.50
CA ASP C 86 -14.50 -15.19 6.57
C ASP C 86 -14.25 -16.14 5.40
N GLY C 87 -13.86 -15.55 4.27
CA GLY C 87 -13.58 -16.31 3.06
C GLY C 87 -12.20 -16.93 3.03
N VAL C 88 -11.24 -16.25 3.67
CA VAL C 88 -9.86 -16.72 3.73
C VAL C 88 -9.69 -17.84 4.74
N THR C 89 -10.43 -17.75 5.85
CA THR C 89 -10.38 -18.73 6.94
C THR C 89 -11.13 -20.03 6.60
N SER C 90 -11.99 -19.96 5.59
CA SER C 90 -12.76 -21.11 5.11
C SER C 90 -12.18 -21.68 3.81
N GLY C 91 -11.25 -20.92 3.22
CA GLY C 91 -10.58 -21.32 2.00
C GLY C 91 -11.29 -21.00 0.69
N THR C 92 -12.56 -20.57 0.79
CA THR C 92 -13.36 -20.25 -0.39
C THR C 92 -13.88 -18.82 -0.24
N LEU C 93 -13.49 -17.94 -1.16
CA LEU C 93 -13.93 -16.55 -1.13
C LEU C 93 -14.80 -16.26 -2.35
N ASP C 94 -16.05 -15.88 -2.10
CA ASP C 94 -16.99 -15.55 -3.17
C ASP C 94 -17.98 -14.53 -2.58
N ALA C 95 -17.62 -13.26 -2.73
CA ALA C 95 -18.41 -12.14 -2.21
C ALA C 95 -18.73 -11.16 -3.33
N ARG C 96 -19.92 -10.57 -3.28
CA ARG C 96 -20.38 -9.58 -4.26
C ARG C 96 -21.30 -8.60 -3.55
N PHE C 97 -20.87 -7.33 -3.48
CA PHE C 97 -21.64 -6.28 -2.81
C PHE C 97 -21.43 -4.87 -3.36
N ASP C 98 -22.32 -3.96 -2.96
CA ASP C 98 -22.29 -2.56 -3.39
C ASP C 98 -21.89 -1.61 -2.25
N PHE C 99 -20.68 -1.08 -2.38
CA PHE C 99 -20.06 -0.19 -1.41
C PHE C 99 -19.97 1.23 -1.99
N VAL C 100 -19.60 2.21 -1.15
CA VAL C 100 -19.46 3.62 -1.54
C VAL C 100 -18.00 4.12 -1.44
N PRO C 107 -19.92 11.41 -3.33
CA PRO C 107 -20.28 10.00 -3.15
C PRO C 107 -20.23 9.18 -4.47
N VAL C 108 -19.34 8.19 -4.49
CA VAL C 108 -19.13 7.32 -5.66
C VAL C 108 -19.52 5.85 -5.37
N ARG C 109 -20.57 5.37 -6.07
CA ARG C 109 -21.10 4.00 -5.95
C ARG C 109 -20.25 3.00 -6.74
N VAL C 110 -19.74 1.98 -6.04
CA VAL C 110 -18.90 0.93 -6.65
C VAL C 110 -19.44 -0.47 -6.34
N GLN C 111 -19.24 -1.39 -7.29
CA GLN C 111 -19.63 -2.79 -7.18
C GLN C 111 -18.35 -3.57 -6.90
N ILE C 112 -18.33 -4.30 -5.78
CA ILE C 112 -17.16 -5.07 -5.36
C ILE C 112 -17.38 -6.57 -5.56
N ARG C 113 -16.35 -7.25 -6.08
CA ARG C 113 -16.38 -8.68 -6.31
C ARG C 113 -15.07 -9.24 -5.76
N MET C 114 -15.18 -10.16 -4.81
CA MET C 114 -14.02 -10.79 -4.19
C MET C 114 -14.02 -12.29 -4.48
N GLN C 115 -12.87 -12.81 -4.90
CA GLN C 115 -12.73 -14.24 -5.20
C GLN C 115 -11.33 -14.79 -5.04
N ASN C 116 -11.22 -16.11 -5.10
CA ASN C 116 -9.93 -16.83 -4.99
C ASN C 116 -9.23 -16.78 -6.34
N ALA C 117 -7.90 -16.61 -6.31
CA ALA C 117 -7.09 -16.60 -7.52
C ALA C 117 -6.76 -18.06 -7.87
N GLY C 118 -6.07 -18.24 -8.99
CA GLY C 118 -5.64 -19.56 -9.43
C GLY C 118 -4.38 -20.01 -8.72
N VAL C 119 -3.68 -19.03 -8.11
CA VAL C 119 -2.44 -19.23 -7.35
C VAL C 119 -2.74 -19.30 -5.83
N PRO C 120 -2.05 -20.19 -5.05
CA PRO C 120 -2.29 -20.31 -3.61
C PRO C 120 -2.02 -19.05 -2.81
N ASP C 121 -2.86 -18.83 -1.78
CA ASP C 121 -2.78 -17.67 -0.88
C ASP C 121 -2.86 -16.29 -1.59
N ARG C 122 -3.65 -16.21 -2.65
CA ARG C 122 -3.84 -14.94 -3.35
C ARG C 122 -5.30 -14.84 -3.68
N TYR C 123 -5.84 -13.65 -3.46
CA TYR C 123 -7.24 -13.35 -3.66
C TYR C 123 -7.39 -12.07 -4.47
N TRP C 124 -8.42 -12.05 -5.30
CA TRP C 124 -8.74 -10.91 -6.14
C TRP C 124 -9.90 -10.09 -5.60
N ILE C 125 -9.77 -8.77 -5.73
CA ILE C 125 -10.79 -7.79 -5.33
C ILE C 125 -11.02 -6.98 -6.60
N PHE C 126 -12.23 -7.08 -7.16
CA PHE C 126 -12.60 -6.34 -8.36
C PHE C 126 -13.51 -5.17 -8.02
N VAL C 127 -13.16 -4.01 -8.58
CA VAL C 127 -13.89 -2.75 -8.36
C VAL C 127 -14.47 -2.25 -9.69
N ARG C 128 -15.79 -2.11 -9.75
CA ARG C 128 -16.50 -1.62 -10.95
C ARG C 128 -17.30 -0.35 -10.64
N LYS C 129 -17.29 0.57 -11.62
CA LYS C 129 -17.98 1.90 -11.69
C LYS C 129 -17.16 3.17 -11.51
#